data_9UV5
#
_entry.id   9UV5
#
_cell.length_a   1.000
_cell.length_b   1.000
_cell.length_c   1.000
_cell.angle_alpha   90.00
_cell.angle_beta   90.00
_cell.angle_gamma   90.00
#
_symmetry.space_group_name_H-M   'P 1'
#
_entity_poly.entity_id   1
_entity_poly.type   'polypeptide(L)'
_entity_poly.pdbx_seq_one_letter_code
;(PCA)PDHEGTYDY
;
_entity_poly.pdbx_strand_id   A
#
# COMPACT_ATOMS: atom_id res chain seq x y z
N PCA A 1 5.05 -1.49 -3.12
CA PCA A 1 5.48 -1.57 -1.68
CB PCA A 1 5.37 -0.07 -1.22
CG PCA A 1 4.57 0.64 -2.29
CD PCA A 1 4.53 -0.32 -3.43
OE PCA A 1 4.10 -0.01 -4.48
C PCA A 1 4.64 -2.53 -0.71
O PCA A 1 3.63 -3.01 -1.15
H PCA A 1 4.99 -2.27 -3.75
HA PCA A 1 6.53 -1.81 -1.76
HB2 PCA A 1 4.90 0.18 -0.27
HB3 PCA A 1 6.41 0.24 -1.35
HG2 PCA A 1 3.59 0.80 -1.83
HG3 PCA A 1 5.02 1.60 -2.53
N PRO A 2 5.09 -2.61 0.57
CA PRO A 2 4.29 -2.93 1.72
C PRO A 2 2.98 -2.14 1.79
N ASP A 3 1.90 -2.73 2.32
CA ASP A 3 0.51 -2.62 1.71
C ASP A 3 -0.41 -1.83 2.68
N HIS A 4 0.03 -1.72 3.93
CA HIS A 4 -0.46 -1.09 5.12
C HIS A 4 -2.04 -1.19 5.29
N GLU A 5 -2.64 -2.26 4.77
CA GLU A 5 -4.09 -2.53 4.77
C GLU A 5 -4.88 -1.37 4.07
N GLY A 6 -4.24 -0.76 3.08
CA GLY A 6 -4.90 0.08 2.06
C GLY A 6 -4.05 1.17 1.44
N THR A 7 -2.72 1.03 1.32
CA THR A 7 -1.95 1.96 0.56
C THR A 7 -1.73 1.41 -0.80
N TYR A 8 -1.42 2.25 -1.80
CA TYR A 8 -0.89 1.97 -3.15
C TYR A 8 -0.07 3.16 -3.68
N ASP A 9 1.02 2.90 -4.42
CA ASP A 9 1.48 3.73 -5.56
C ASP A 9 2.15 2.71 -6.53
N TYR A 10 1.98 2.88 -7.84
CA TYR A 10 2.74 2.30 -8.94
C TYR A 10 3.21 0.82 -8.66
N PCA A 1 5.12 -0.64 -1.92
CA PCA A 1 5.77 -1.27 -0.78
CB PCA A 1 6.19 -0.04 0.09
CG PCA A 1 5.14 0.98 -0.30
CD PCA A 1 4.51 0.44 -1.56
OE PCA A 1 3.31 0.61 -1.79
C PCA A 1 4.86 -2.34 -0.01
O PCA A 1 3.85 -2.73 -0.62
H PCA A 1 4.76 -1.13 -2.72
HA PCA A 1 6.71 -1.79 -0.98
HB2 PCA A 1 6.12 -0.25 1.16
HB3 PCA A 1 7.19 0.27 -0.24
HG2 PCA A 1 4.38 0.89 0.48
HG3 PCA A 1 5.60 1.98 -0.37
N PRO A 2 5.06 -2.83 1.24
CA PRO A 2 3.98 -3.37 2.17
C PRO A 2 2.66 -2.69 2.21
N ASP A 3 1.60 -3.42 2.57
CA ASP A 3 0.32 -3.19 1.99
C ASP A 3 -0.60 -2.33 2.85
N HIS A 4 -0.36 -2.37 4.14
CA HIS A 4 -0.82 -1.49 5.19
C HIS A 4 -2.36 -1.40 5.25
N GLU A 5 -3.10 -2.33 4.63
CA GLU A 5 -4.56 -2.23 4.39
C GLU A 5 -4.87 -1.00 3.54
N GLY A 6 -3.93 -0.48 2.68
CA GLY A 6 -4.22 0.53 1.66
C GLY A 6 -3.10 1.38 1.09
N THR A 7 -1.86 1.26 1.62
CA THR A 7 -0.74 1.88 0.93
C THR A 7 -0.35 1.24 -0.42
N TYR A 8 -0.59 2.03 -1.48
CA TYR A 8 0.00 1.75 -2.78
C TYR A 8 -0.20 2.96 -3.70
N ASP A 9 0.53 3.11 -4.76
CA ASP A 9 0.06 3.75 -5.98
C ASP A 9 0.80 3.33 -7.25
N TYR A 10 2.12 3.41 -7.40
CA TYR A 10 2.95 3.09 -8.56
C TYR A 10 4.16 2.19 -8.08
N PCA A 1 6.00 -1.98 -2.06
CA PCA A 1 6.29 -2.14 -0.70
CB PCA A 1 6.00 -0.70 -0.19
CG PCA A 1 4.93 -0.10 -1.15
CD PCA A 1 5.22 -0.98 -2.36
OE PCA A 1 4.98 -0.72 -3.53
C PCA A 1 5.38 -3.27 0.06
O PCA A 1 4.51 -3.94 -0.57
H PCA A 1 6.10 -2.77 -2.68
HA PCA A 1 7.36 -2.34 -0.68
HB2 PCA A 1 5.58 -0.73 0.83
HB3 PCA A 1 6.90 -0.07 -0.15
HG2 PCA A 1 3.97 -0.45 -0.78
HG3 PCA A 1 5.01 0.98 -1.30
N PRO A 2 5.38 -3.43 1.40
CA PRO A 2 4.25 -3.77 2.28
C PRO A 2 2.98 -2.90 1.99
N ASP A 3 1.85 -3.22 2.76
CA ASP A 3 0.53 -2.89 2.21
C ASP A 3 -0.36 -1.90 2.95
N HIS A 4 -0.11 -1.92 4.25
CA HIS A 4 -0.60 -1.16 5.32
C HIS A 4 -2.09 -0.99 5.52
N GLU A 5 -2.89 -1.95 5.02
CA GLU A 5 -4.34 -1.92 4.89
C GLU A 5 -4.92 -0.84 3.97
N GLY A 6 -4.19 -0.43 2.97
CA GLY A 6 -4.77 0.40 1.85
C GLY A 6 -3.78 1.23 0.94
N THR A 7 -2.45 0.99 1.12
CA THR A 7 -1.50 1.69 0.28
C THR A 7 -1.41 1.03 -1.15
N TYR A 8 -1.13 1.88 -2.13
CA TYR A 8 -0.42 1.48 -3.36
C TYR A 8 -0.06 2.64 -4.23
N ASP A 9 -0.97 3.57 -4.55
CA ASP A 9 -1.04 4.30 -5.83
C ASP A 9 0.12 5.23 -6.00
N TYR A 10 0.24 6.20 -5.12
CA TYR A 10 1.01 7.40 -5.21
C TYR A 10 1.49 7.87 -3.82
N PCA A 1 5.08 -2.02 -3.00
CA PCA A 1 5.60 -1.94 -1.63
CB PCA A 1 5.49 -0.40 -1.26
CG PCA A 1 4.38 0.09 -2.18
CD PCA A 1 4.33 -0.95 -3.28
OE PCA A 1 3.55 -0.88 -4.18
C PCA A 1 4.93 -2.96 -0.54
O PCA A 1 4.09 -3.78 -0.91
H PCA A 1 5.01 -2.89 -3.51
HA PCA A 1 6.66 -2.18 -1.62
HB2 PCA A 1 5.21 -0.37 -0.20
HB3 PCA A 1 6.49 -0.01 -1.42
HG2 PCA A 1 3.41 0.16 -1.70
HG3 PCA A 1 4.65 1.03 -2.65
N PRO A 2 5.16 -2.80 0.74
CA PRO A 2 4.20 -2.97 1.85
C PRO A 2 2.85 -2.25 1.67
N ASP A 3 1.94 -2.62 2.54
CA ASP A 3 0.50 -2.63 2.14
C ASP A 3 -0.46 -1.82 3.03
N HIS A 4 0.02 -1.70 4.23
CA HIS A 4 -0.52 -0.95 5.32
C HIS A 4 -2.00 -1.05 5.58
N GLU A 5 -2.69 -2.10 5.03
CA GLU A 5 -4.18 -2.24 5.02
C GLU A 5 -4.80 -1.02 4.27
N GLY A 6 -4.26 -0.55 3.20
CA GLY A 6 -4.87 0.32 2.18
C GLY A 6 -4.11 1.03 1.08
N THR A 7 -2.82 1.13 1.23
CA THR A 7 -1.95 1.90 0.22
C THR A 7 -1.75 1.16 -1.09
N TYR A 8 -1.51 1.90 -2.16
CA TYR A 8 -0.85 1.40 -3.41
C TYR A 8 0.25 2.30 -3.98
N ASP A 9 0.08 3.61 -4.01
CA ASP A 9 0.23 4.32 -5.30
C ASP A 9 1.66 4.81 -5.60
N TYR A 10 2.36 5.43 -4.61
CA TYR A 10 3.60 6.15 -4.72
C TYR A 10 4.32 6.30 -3.40
N PCA A 1 5.59 -1.53 -3.01
CA PCA A 1 5.96 -1.62 -1.63
CB PCA A 1 5.85 -0.12 -1.08
CG PCA A 1 4.64 0.31 -1.87
CD PCA A 1 4.82 -0.46 -3.16
OE PCA A 1 4.46 0.01 -4.31
C PCA A 1 4.97 -2.53 -0.77
O PCA A 1 4.16 -3.24 -1.41
H PCA A 1 5.96 -2.16 -3.69
HA PCA A 1 6.99 -1.99 -1.53
HB2 PCA A 1 5.71 0.05 -0.01
HB3 PCA A 1 6.79 0.37 -1.34
HG2 PCA A 1 3.73 -0.02 -1.36
HG3 PCA A 1 4.49 1.38 -2.03
N PRO A 2 5.11 -2.58 0.56
CA PRO A 2 4.04 -3.00 1.47
C PRO A 2 2.70 -2.21 1.36
N ASP A 3 1.69 -2.52 2.17
CA ASP A 3 0.25 -2.52 1.77
C ASP A 3 -0.62 -1.77 2.80
N HIS A 4 -0.15 -1.78 4.05
CA HIS A 4 -0.52 -0.83 5.14
C HIS A 4 -2.06 -0.81 5.34
N GLU A 5 -2.70 -1.94 5.08
CA GLU A 5 -4.19 -2.10 5.05
C GLU A 5 -5.01 -1.24 3.99
N GLY A 6 -4.36 -0.52 3.09
CA GLY A 6 -4.86 0.51 2.17
C GLY A 6 -3.94 1.52 1.47
N THR A 7 -2.65 1.16 1.36
CA THR A 7 -1.73 1.86 0.55
C THR A 7 -1.36 0.95 -0.64
N TYR A 8 -1.11 1.57 -1.79
CA TYR A 8 -0.78 0.93 -3.03
C TYR A 8 0.16 1.89 -3.81
N ASP A 9 -0.31 3.12 -3.99
CA ASP A 9 -0.05 3.91 -5.15
C ASP A 9 1.40 4.26 -5.19
N TYR A 10 1.75 5.23 -4.32
CA TYR A 10 2.85 6.22 -4.52
C TYR A 10 3.79 6.39 -3.30
N PCA A 1 4.83 -3.07 -2.73
CA PCA A 1 5.55 -2.82 -1.49
CB PCA A 1 5.59 -1.26 -1.50
CG PCA A 1 4.43 -0.85 -2.39
CD PCA A 1 4.20 -2.05 -3.25
OE PCA A 1 3.59 -2.02 -4.28
C PCA A 1 4.99 -3.51 -0.25
O PCA A 1 4.08 -4.32 -0.39
H PCA A 1 4.75 -3.99 -3.16
HA PCA A 1 6.53 -3.27 -1.64
HB2 PCA A 1 5.49 -0.87 -0.49
HB3 PCA A 1 6.45 -0.90 -2.06
HG2 PCA A 1 3.56 -0.65 -1.79
HG3 PCA A 1 4.72 -0.08 -3.11
N PRO A 2 5.51 -3.17 0.95
CA PRO A 2 4.60 -2.84 2.11
C PRO A 2 3.18 -2.24 1.73
N ASP A 3 2.08 -2.57 2.37
CA ASP A 3 0.71 -2.19 1.97
C ASP A 3 -0.17 -1.40 2.92
N HIS A 4 0.10 -1.64 4.19
CA HIS A 4 -0.55 -0.92 5.30
C HIS A 4 -2.06 -0.97 5.52
N GLU A 5 -2.73 -2.04 5.04
CA GLU A 5 -4.20 -2.27 4.98
C GLU A 5 -4.95 -1.36 3.99
N GLY A 6 -4.38 -0.95 2.83
CA GLY A 6 -5.05 0.08 2.06
C GLY A 6 -4.23 0.89 1.07
N THR A 7 -2.95 1.09 1.27
CA THR A 7 -2.11 2.04 0.52
C THR A 7 -1.65 1.43 -0.78
N TYR A 8 -1.56 2.29 -1.78
CA TYR A 8 -0.98 2.04 -3.14
C TYR A 8 -0.35 3.36 -3.68
N ASP A 9 0.63 3.30 -4.66
CA ASP A 9 0.77 4.29 -5.72
C ASP A 9 1.66 3.69 -6.73
N TYR A 10 1.19 2.63 -7.39
CA TYR A 10 1.84 2.00 -8.55
C TYR A 10 3.29 1.42 -8.25
N PCA A 1 6.20 -2.48 -1.75
CA PCA A 1 6.23 -2.14 -0.33
CB PCA A 1 5.58 -0.80 -0.23
CG PCA A 1 4.69 -0.80 -1.51
CD PCA A 1 5.34 -1.77 -2.39
OE PCA A 1 5.18 -1.90 -3.58
C PCA A 1 5.50 -3.23 0.55
O PCA A 1 4.90 -4.14 0.06
H PCA A 1 6.74 -3.17 -2.25
HA PCA A 1 7.26 -2.15 -0.01
HB2 PCA A 1 4.89 -0.67 0.61
HB3 PCA A 1 6.27 0.04 -0.21
HG2 PCA A 1 3.68 -1.12 -1.26
HG3 PCA A 1 4.72 0.21 -1.91
N PRO A 2 5.59 -3.07 1.89
CA PRO A 2 4.52 -3.34 2.87
C PRO A 2 3.15 -3.04 2.23
N ASP A 3 2.05 -3.40 2.95
CA ASP A 3 0.73 -3.54 2.32
C ASP A 3 -0.34 -2.54 2.81
N HIS A 4 -0.25 -2.25 4.09
CA HIS A 4 -0.87 -1.22 4.84
C HIS A 4 -2.36 -1.20 5.07
N GLU A 5 -3.11 -2.16 4.51
CA GLU A 5 -4.58 -2.23 4.33
C GLU A 5 -4.91 -1.06 3.34
N GLY A 6 -4.03 -0.67 2.39
CA GLY A 6 -4.21 0.49 1.50
C GLY A 6 -2.91 1.14 1.06
N THR A 7 -2.86 2.52 1.05
CA THR A 7 -1.74 3.42 0.71
C THR A 7 -1.16 3.28 -0.65
N TYR A 8 -1.13 2.16 -1.33
CA TYR A 8 -0.61 1.93 -2.66
C TYR A 8 -1.25 2.83 -3.72
N ASP A 9 -0.46 3.09 -4.71
CA ASP A 9 -0.92 3.23 -6.06
C ASP A 9 0.27 3.13 -7.06
N TYR A 10 0.94 1.95 -7.15
CA TYR A 10 2.09 1.73 -7.99
C TYR A 10 3.39 2.57 -7.80
N PCA A 1 6.45 -2.37 -1.96
CA PCA A 1 6.61 -2.53 -0.48
CB PCA A 1 6.38 -1.10 -0.01
CG PCA A 1 6.09 -0.17 -1.24
CD PCA A 1 6.13 -1.16 -2.35
OE PCA A 1 5.91 -1.02 -3.51
C PCA A 1 5.70 -3.57 0.26
O PCA A 1 4.88 -4.21 -0.43
H PCA A 1 6.43 -3.15 -2.62
HA PCA A 1 7.63 -2.78 -0.23
HB2 PCA A 1 5.49 -1.02 0.63
HB3 PCA A 1 7.19 -0.75 0.63
HG2 PCA A 1 5.09 0.24 -1.15
HG3 PCA A 1 6.87 0.58 -1.36
N PRO A 2 5.50 -3.40 1.64
CA PRO A 2 4.27 -3.78 2.37
C PRO A 2 3.08 -2.93 1.86
N ASP A 3 1.83 -3.11 2.38
CA ASP A 3 0.58 -2.62 1.73
C ASP A 3 -0.27 -1.70 2.55
N HIS A 4 -0.06 -1.86 3.80
CA HIS A 4 -0.59 -1.08 4.86
C HIS A 4 -2.17 -0.86 4.76
N GLU A 5 -2.89 -1.99 4.38
CA GLU A 5 -4.32 -1.97 4.00
C GLU A 5 -4.64 -0.87 2.97
N GLY A 6 -4.21 -1.04 1.72
CA GLY A 6 -4.67 -0.13 0.65
C GLY A 6 -3.90 1.20 0.57
N THR A 7 -2.69 1.16 1.03
CA THR A 7 -1.83 2.37 1.08
C THR A 7 -0.74 2.38 0.03
N TYR A 8 -0.54 1.28 -0.69
CA TYR A 8 0.03 1.39 -2.03
C TYR A 8 -0.98 2.06 -2.95
N ASP A 9 -0.46 2.68 -4.02
CA ASP A 9 -1.11 2.79 -5.36
C ASP A 9 -0.12 3.40 -6.31
N TYR A 10 0.84 2.57 -6.82
CA TYR A 10 1.86 2.89 -7.79
C TYR A 10 2.81 4.11 -7.43
N PCA A 1 6.01 -1.37 -2.71
CA PCA A 1 6.15 -1.39 -1.23
CB PCA A 1 5.65 0.08 -0.91
CG PCA A 1 4.61 0.25 -1.93
CD PCA A 1 5.10 -0.52 -3.13
OE PCA A 1 4.76 -0.13 -4.23
C PCA A 1 5.25 -2.51 -0.40
O PCA A 1 4.56 -3.38 -1.01
H PCA A 1 6.14 -2.21 -3.27
HA PCA A 1 7.21 -1.44 -0.97
HB2 PCA A 1 5.29 0.17 0.12
HB3 PCA A 1 6.41 0.82 -1.12
HG2 PCA A 1 3.66 -0.16 -1.57
HG3 PCA A 1 4.57 1.31 -2.15
N PRO A 2 5.35 -2.40 0.90
CA PRO A 2 4.36 -2.95 1.77
C PRO A 2 2.89 -2.41 1.49
N ASP A 3 1.96 -2.78 2.32
CA ASP A 3 0.62 -3.06 1.97
C ASP A 3 -0.39 -2.34 2.83
N HIS A 4 -0.12 -2.17 4.10
CA HIS A 4 -0.79 -1.25 5.03
C HIS A 4 -2.34 -1.31 5.13
N GLU A 5 -3.00 -2.23 4.56
CA GLU A 5 -4.44 -2.30 4.45
C GLU A 5 -5.02 -1.23 3.56
N GLY A 6 -4.25 -0.71 2.65
CA GLY A 6 -4.53 0.67 2.18
C GLY A 6 -3.32 1.22 1.45
N THR A 7 -3.36 2.52 1.10
CA THR A 7 -2.35 3.49 0.74
C THR A 7 -1.53 3.19 -0.52
N TYR A 8 -1.94 2.13 -1.22
CA TYR A 8 -1.28 1.66 -2.41
C TYR A 8 -0.94 2.73 -3.50
N ASP A 9 0.12 2.39 -4.30
CA ASP A 9 0.23 2.50 -5.70
C ASP A 9 1.31 1.69 -6.28
N TYR A 10 1.14 1.00 -7.46
CA TYR A 10 2.25 0.52 -8.30
C TYR A 10 3.18 -0.39 -7.48
N PCA A 1 6.29 -0.47 -1.12
CA PCA A 1 6.39 -1.18 0.19
CB PCA A 1 6.15 -0.08 1.24
CG PCA A 1 5.30 0.93 0.48
CD PCA A 1 5.71 0.70 -0.96
OE PCA A 1 5.51 1.45 -1.87
C PCA A 1 5.32 -2.36 0.31
O PCA A 1 4.68 -2.79 -0.67
H PCA A 1 6.80 -0.67 -1.99
HA PCA A 1 7.41 -1.57 0.35
HB2 PCA A 1 5.51 -0.32 2.10
HB3 PCA A 1 7.10 0.41 1.44
HG2 PCA A 1 4.24 0.65 0.50
HG3 PCA A 1 5.51 1.96 0.75
N PRO A 2 5.17 -2.96 1.48
CA PRO A 2 3.94 -3.56 1.99
C PRO A 2 2.76 -2.59 2.03
N ASP A 3 1.51 -3.08 1.96
CA ASP A 3 0.36 -2.27 1.55
C ASP A 3 -0.54 -1.75 2.74
N HIS A 4 -0.63 -2.65 3.69
CA HIS A 4 -1.51 -2.48 4.89
C HIS A 4 -3.00 -2.07 4.60
N GLU A 5 -3.51 -2.50 3.39
CA GLU A 5 -4.78 -2.15 2.77
C GLU A 5 -4.88 -0.62 2.43
N GLY A 6 -3.73 -0.08 1.96
CA GLY A 6 -3.64 1.20 1.33
C GLY A 6 -2.35 1.94 1.46
N THR A 7 -1.22 1.42 0.95
CA THR A 7 0.05 2.12 0.77
C THR A 7 0.65 1.81 -0.57
N TYR A 8 0.07 0.84 -1.25
CA TYR A 8 0.33 0.39 -2.65
C TYR A 8 -0.20 1.36 -3.68
N ASP A 9 -1.50 1.67 -3.49
CA ASP A 9 -2.50 1.95 -4.49
C ASP A 9 -2.54 3.27 -5.28
N TYR A 10 -2.10 4.30 -4.61
CA TYR A 10 -2.09 5.75 -4.97
C TYR A 10 -0.95 6.50 -4.34
N PCA A 1 7.45 -1.51 -0.77
CA PCA A 1 6.78 -1.89 0.52
CB PCA A 1 6.08 -0.58 0.95
CG PCA A 1 5.67 -0.03 -0.37
CD PCA A 1 6.80 -0.50 -1.32
OE PCA A 1 7.10 -0.01 -2.41
C PCA A 1 5.82 -3.06 0.53
O PCA A 1 5.19 -3.43 -0.49
H PCA A 1 8.26 -1.99 -1.15
HA PCA A 1 7.54 -2.02 1.29
HB2 PCA A 1 5.24 -0.82 1.60
HB3 PCA A 1 6.81 0.03 1.47
HG2 PCA A 1 4.72 -0.51 -0.58
HG3 PCA A 1 5.54 1.05 -0.42
N PRO A 2 5.47 -3.51 1.71
CA PRO A 2 4.11 -3.99 2.05
C PRO A 2 2.93 -3.08 1.61
N ASP A 3 1.70 -3.23 2.07
CA ASP A 3 0.46 -2.80 1.34
C ASP A 3 -0.32 -1.88 2.27
N HIS A 4 -0.09 -2.00 3.53
CA HIS A 4 -0.74 -1.26 4.60
C HIS A 4 -2.28 -1.01 4.51
N GLU A 5 -2.97 -2.09 4.17
CA GLU A 5 -4.49 -1.96 4.07
C GLU A 5 -4.98 -1.01 2.96
N GLY A 6 -4.20 -0.78 1.90
CA GLY A 6 -4.46 0.28 0.88
C GLY A 6 -3.51 1.48 0.83
N THR A 7 -2.26 1.36 1.28
CA THR A 7 -1.25 2.44 1.29
C THR A 7 -0.24 2.57 0.11
N TYR A 8 -0.23 1.49 -0.67
CA TYR A 8 0.44 1.58 -1.98
C TYR A 8 -0.50 2.14 -3.05
N ASP A 9 -0.07 1.84 -4.26
CA ASP A 9 -0.97 1.73 -5.38
C ASP A 9 -1.40 3.05 -5.99
N TYR A 10 -0.42 3.96 -5.97
CA TYR A 10 -0.33 5.16 -6.78
C TYR A 10 -1.51 6.16 -6.53
N PCA A 1 7.17 -1.86 -1.09
CA PCA A 1 6.80 -2.06 0.34
CB PCA A 1 6.33 -0.63 0.76
CG PCA A 1 5.74 -0.06 -0.52
CD PCA A 1 6.51 -0.85 -1.62
OE PCA A 1 6.54 -0.54 -2.80
C PCA A 1 5.81 -3.27 0.65
O PCA A 1 5.27 -3.82 -0.30
H PCA A 1 7.85 -2.48 -1.51
HA PCA A 1 7.72 -2.25 0.89
HB2 PCA A 1 5.61 -0.69 1.59
HB3 PCA A 1 7.24 -0.14 1.12
HG2 PCA A 1 4.66 -0.20 -0.63
HG3 PCA A 1 5.99 1.00 -0.60
N PRO A 2 5.54 -3.49 1.93
CA PRO A 2 4.26 -3.89 2.55
C PRO A 2 3.07 -3.06 2.06
N ASP A 3 1.88 -3.22 2.66
CA ASP A 3 0.58 -3.01 2.00
C ASP A 3 -0.44 -2.12 2.69
N HIS A 4 -0.31 -2.22 4.01
CA HIS A 4 -0.87 -1.32 4.98
C HIS A 4 -2.39 -1.13 4.78
N GLU A 5 -3.09 -2.18 4.36
CA GLU A 5 -4.50 -2.28 3.94
C GLU A 5 -4.94 -1.23 2.90
N GLY A 6 -3.97 -0.61 2.17
CA GLY A 6 -4.14 0.21 1.00
C GLY A 6 -3.34 1.50 1.13
N THR A 7 -2.07 1.44 0.70
CA THR A 7 -1.16 2.61 0.82
C THR A 7 -0.23 2.82 -0.41
N TYR A 8 -0.02 1.76 -1.15
CA TYR A 8 0.62 1.84 -2.47
C TYR A 8 -0.37 2.45 -3.52
N ASP A 9 -0.23 1.96 -4.77
CA ASP A 9 -1.18 1.90 -5.85
C ASP A 9 -1.46 3.32 -6.47
N TYR A 10 -0.42 4.20 -6.39
CA TYR A 10 -0.07 5.34 -7.21
C TYR A 10 -1.05 6.58 -7.15
N PCA A 1 7.25 -1.17 -0.69
CA PCA A 1 6.85 -1.81 0.60
CB PCA A 1 6.18 -0.58 1.27
CG PCA A 1 5.50 0.19 0.09
CD PCA A 1 6.37 -0.25 -1.03
OE PCA A 1 6.30 0.18 -2.20
C PCA A 1 5.84 -2.92 0.44
O PCA A 1 5.42 -3.24 -0.69
H PCA A 1 7.51 -1.82 -1.41
HA PCA A 1 7.60 -2.20 1.29
HB2 PCA A 1 5.43 -0.77 2.03
HB3 PCA A 1 6.99 0.01 1.72
HG2 PCA A 1 4.50 -0.20 -0.11
HG3 PCA A 1 5.52 1.26 0.22
N PRO A 2 5.37 -3.45 1.61
CA PRO A 2 3.99 -4.01 1.72
C PRO A 2 2.90 -2.93 1.49
N ASP A 3 1.64 -3.23 1.89
CA ASP A 3 0.44 -2.65 1.36
C ASP A 3 -0.42 -1.98 2.32
N HIS A 4 -0.52 -2.55 3.50
CA HIS A 4 -1.18 -1.96 4.66
C HIS A 4 -2.66 -1.48 4.40
N GLU A 5 -3.32 -1.96 3.37
CA GLU A 5 -4.71 -1.59 2.95
C GLU A 5 -4.83 -0.13 2.42
N GLY A 6 -3.65 0.51 2.01
CA GLY A 6 -3.57 1.98 1.60
C GLY A 6 -2.32 2.32 0.78
N THR A 7 -1.11 1.96 1.36
CA THR A 7 0.23 2.27 0.85
C THR A 7 0.50 1.58 -0.50
N TYR A 8 -0.35 0.64 -0.82
CA TYR A 8 -0.49 -0.01 -2.15
C TYR A 8 -0.96 1.00 -3.30
N ASP A 9 -1.80 1.96 -2.93
CA ASP A 9 -3.06 2.18 -3.58
C ASP A 9 -3.05 3.64 -4.00
N TYR A 10 -1.91 4.15 -4.35
CA TYR A 10 -1.71 5.44 -4.99
C TYR A 10 -2.14 6.60 -4.11
N PCA A 1 4.70 -2.58 -3.50
CA PCA A 1 5.30 -2.15 -2.28
CB PCA A 1 5.15 -0.60 -2.31
CG PCA A 1 3.83 -0.48 -3.17
CD PCA A 1 3.93 -1.63 -4.07
OE PCA A 1 3.32 -1.72 -5.17
C PCA A 1 4.70 -2.87 -1.03
O PCA A 1 3.83 -3.73 -1.17
H PCA A 1 4.86 -3.50 -3.88
HA PCA A 1 6.38 -2.28 -2.29
HB2 PCA A 1 5.05 -0.13 -1.32
HB3 PCA A 1 6.01 -0.19 -2.84
HG2 PCA A 1 2.96 -0.59 -2.53
HG3 PCA A 1 3.69 0.42 -3.77
N PRO A 2 4.98 -2.47 0.22
CA PRO A 2 4.15 -2.30 1.40
C PRO A 2 2.73 -1.78 1.00
N ASP A 3 1.84 -2.08 1.96
CA ASP A 3 0.46 -2.06 1.73
C ASP A 3 -0.31 -1.17 2.65
N HIS A 4 0.24 -1.01 3.87
CA HIS A 4 -0.21 -0.15 4.93
C HIS A 4 -1.72 -0.28 5.21
N GLU A 5 -2.17 -1.52 5.08
CA GLU A 5 -3.55 -1.87 4.98
C GLU A 5 -4.30 -1.18 3.88
N GLY A 6 -4.51 -1.83 2.68
CA GLY A 6 -5.37 -1.29 1.56
C GLY A 6 -4.86 0.07 0.92
N THR A 7 -3.57 0.37 0.99
CA THR A 7 -2.97 1.55 0.42
C THR A 7 -2.16 1.20 -0.76
N TYR A 8 -2.12 2.15 -1.76
CA TYR A 8 -1.26 2.29 -2.94
C TYR A 8 0.10 2.87 -2.56
N ASP A 9 1.16 2.72 -3.45
CA ASP A 9 2.24 3.59 -3.71
C ASP A 9 2.96 3.26 -4.98
N TYR A 10 3.64 4.27 -5.48
CA TYR A 10 3.90 4.39 -6.93
C TYR A 10 5.17 3.78 -7.44
N PCA A 1 5.13 -3.17 -2.83
CA PCA A 1 5.75 -2.87 -1.56
CB PCA A 1 5.79 -1.34 -1.55
CG PCA A 1 4.50 -1.00 -2.39
CD PCA A 1 4.43 -2.19 -3.27
OE PCA A 1 3.61 -2.43 -4.14
C PCA A 1 4.96 -3.58 -0.34
O PCA A 1 4.01 -4.35 -0.64
H PCA A 1 5.05 -4.15 -3.10
HA PCA A 1 6.77 -3.26 -1.48
HB2 PCA A 1 5.46 -1.03 -0.55
HB3 PCA A 1 6.71 -0.88 -1.90
HG2 PCA A 1 3.66 -0.97 -1.70
HG3 PCA A 1 4.72 -0.09 -2.95
N PRO A 2 5.30 -3.26 0.89
CA PRO A 2 4.37 -3.34 2.01
C PRO A 2 3.03 -2.52 1.66
N ASP A 3 1.99 -2.70 2.48
CA ASP A 3 0.62 -2.35 2.13
C ASP A 3 -0.15 -1.41 3.03
N HIS A 4 0.15 -1.54 4.28
CA HIS A 4 -0.36 -0.75 5.38
C HIS A 4 -1.87 -0.59 5.47
N GLU A 5 -2.61 -1.65 5.13
CA GLU A 5 -4.10 -1.67 5.03
C GLU A 5 -4.87 -0.90 3.90
N GLY A 6 -4.19 -0.82 2.75
CA GLY A 6 -4.86 -0.29 1.58
C GLY A 6 -4.03 0.74 0.81
N THR A 7 -2.74 0.86 0.94
CA THR A 7 -1.88 1.56 0.03
C THR A 7 -1.64 0.79 -1.29
N TYR A 8 -1.40 1.55 -2.41
CA TYR A 8 -0.68 1.16 -3.59
C TYR A 8 0.05 2.33 -4.23
N ASP A 9 -0.65 3.45 -4.41
CA ASP A 9 -0.41 4.59 -5.28
C ASP A 9 0.91 5.35 -5.07
N TYR A 10 1.95 4.99 -5.78
CA TYR A 10 2.87 5.95 -6.44
C TYR A 10 3.61 7.01 -5.58
N PCA A 1 6.32 -0.82 -2.77
CA PCA A 1 6.36 -0.93 -1.28
CB PCA A 1 5.86 0.43 -0.86
CG PCA A 1 4.84 0.80 -1.94
CD PCA A 1 5.30 -0.06 -3.11
OE PCA A 1 4.71 -0.08 -4.23
C PCA A 1 5.52 -2.08 -0.78
O PCA A 1 5.00 -2.86 -1.59
H PCA A 1 6.51 -1.58 -3.39
HA PCA A 1 7.35 -1.02 -0.83
HB2 PCA A 1 5.45 0.30 0.15
HB3 PCA A 1 6.69 1.12 -0.95
HG2 PCA A 1 3.96 0.33 -1.49
HG3 PCA A 1 4.81 1.87 -2.12
N PRO A 2 5.36 -2.29 0.53
CA PRO A 2 4.21 -2.97 1.18
C PRO A 2 2.78 -2.30 0.90
N ASP A 3 1.76 -2.57 1.77
CA ASP A 3 0.32 -2.35 1.23
C ASP A 3 -0.66 -1.71 2.28
N HIS A 4 -0.32 -2.09 3.53
CA HIS A 4 -0.80 -1.42 4.73
C HIS A 4 -2.34 -1.30 4.81
N GLU A 5 -3.01 -2.34 4.39
CA GLU A 5 -4.47 -2.40 4.29
C GLU A 5 -5.13 -1.15 3.69
N GLY A 6 -4.52 -0.59 2.67
CA GLY A 6 -5.09 0.46 1.72
C GLY A 6 -4.03 1.47 1.24
N THR A 7 -2.84 1.58 1.87
CA THR A 7 -1.79 2.60 1.58
C THR A 7 -0.89 2.40 0.29
N TYR A 8 -1.28 1.33 -0.46
CA TYR A 8 -0.83 0.86 -1.81
C TYR A 8 -0.48 2.03 -2.74
N ASP A 9 0.33 1.79 -3.77
CA ASP A 9 0.29 2.49 -4.99
C ASP A 9 1.05 1.60 -5.99
N TYR A 10 0.77 1.81 -7.28
CA TYR A 10 1.03 0.83 -8.35
C TYR A 10 2.46 0.98 -8.83
N PCA A 1 6.45 -0.61 -1.28
CA PCA A 1 6.34 -1.12 0.11
CB PCA A 1 5.74 0.05 0.89
CG PCA A 1 4.84 0.73 -0.21
CD PCA A 1 5.54 0.30 -1.48
OE PCA A 1 5.31 0.71 -2.63
C PCA A 1 5.60 -2.45 0.30
O PCA A 1 5.22 -3.03 -0.71
H PCA A 1 7.01 -1.11 -1.95
HA PCA A 1 7.38 -1.19 0.43
HB2 PCA A 1 5.20 -0.27 1.79
HB3 PCA A 1 6.57 0.71 1.17
HG2 PCA A 1 3.82 0.35 -0.13
HG3 PCA A 1 4.83 1.82 -0.16
N PRO A 2 5.43 -2.91 1.58
CA PRO A 2 4.23 -3.61 2.01
C PRO A 2 2.96 -2.91 1.64
N ASP A 3 1.81 -3.23 2.19
CA ASP A 3 0.52 -2.88 1.63
C ASP A 3 -0.50 -2.13 2.53
N HIS A 4 -0.50 -2.63 3.77
CA HIS A 4 -1.17 -2.10 4.93
C HIS A 4 -2.69 -1.82 4.79
N GLU A 5 -3.33 -2.58 3.89
CA GLU A 5 -4.72 -2.37 3.50
C GLU A 5 -5.00 -0.91 3.16
N GLY A 6 -4.00 -0.13 2.72
CA GLY A 6 -4.26 1.26 2.24
C GLY A 6 -3.07 2.04 1.67
N THR A 7 -1.88 1.45 1.55
CA THR A 7 -0.71 2.18 1.21
C THR A 7 -0.46 2.32 -0.28
N TYR A 8 -0.92 1.27 -1.08
CA TYR A 8 -0.61 1.06 -2.51
C TYR A 8 -1.08 2.18 -3.45
N ASP A 9 -0.56 2.13 -4.67
CA ASP A 9 -1.17 2.85 -5.74
C ASP A 9 -0.46 2.44 -6.99
N TYR A 10 -1.24 2.21 -8.05
CA TYR A 10 -0.84 1.33 -9.16
C TYR A 10 0.15 2.00 -10.11
N PCA A 1 6.54 -1.48 -1.19
CA PCA A 1 6.32 -1.83 0.22
CB PCA A 1 5.89 -0.40 0.74
CG PCA A 1 5.10 0.16 -0.45
CD PCA A 1 5.79 -0.51 -1.58
OE PCA A 1 5.81 -0.17 -2.71
C PCA A 1 5.22 -2.87 0.47
O PCA A 1 4.45 -3.33 -0.41
H PCA A 1 7.15 -2.02 -1.78
HA PCA A 1 7.26 -2.14 0.68
HB2 PCA A 1 5.32 -0.54 1.67
HB3 PCA A 1 6.79 0.18 0.91
HG2 PCA A 1 4.05 -0.13 -0.32
HG3 PCA A 1 5.14 1.23 -0.62
N PRO A 2 5.06 -3.31 1.75
CA PRO A 2 3.84 -4.00 2.23
C PRO A 2 2.57 -3.09 2.16
N ASP A 3 1.41 -3.48 2.67
CA ASP A 3 0.13 -2.94 2.18
C ASP A 3 -0.69 -2.19 3.19
N HIS A 4 -0.80 -2.79 4.33
CA HIS A 4 -1.34 -2.16 5.43
C HIS A 4 -2.71 -1.58 5.22
N GLU A 5 -3.52 -2.27 4.42
CA GLU A 5 -4.91 -1.89 4.08
C GLU A 5 -4.91 -0.54 3.34
N GLY A 6 -3.86 -0.21 2.56
CA GLY A 6 -3.69 1.06 1.85
C GLY A 6 -2.36 1.06 0.97
N THR A 7 -1.66 2.17 0.83
CA THR A 7 -0.23 2.28 0.48
C THR A 7 0.20 2.11 -0.96
N TYR A 8 -0.73 1.72 -1.84
CA TYR A 8 -0.37 1.07 -3.12
C TYR A 8 -0.33 1.96 -4.33
N ASP A 9 -1.36 2.83 -4.44
CA ASP A 9 -2.02 3.22 -5.69
C ASP A 9 -1.65 4.70 -5.98
N TYR A 10 -0.60 5.23 -5.32
CA TYR A 10 0.09 6.58 -5.35
C TYR A 10 -0.96 7.68 -5.10
N PCA A 1 5.43 -3.17 -3.05
CA PCA A 1 5.86 -2.60 -1.81
CB PCA A 1 5.25 -1.15 -1.94
CG PCA A 1 4.36 -1.10 -3.20
CD PCA A 1 4.48 -2.46 -3.72
OE PCA A 1 3.98 -2.85 -4.77
C PCA A 1 5.19 -3.39 -0.63
O PCA A 1 4.34 -4.26 -0.86
H PCA A 1 5.61 -4.15 -3.19
HA PCA A 1 6.93 -2.47 -1.88
HB2 PCA A 1 4.61 -0.96 -1.07
HB3 PCA A 1 6.14 -0.54 -2.01
HG2 PCA A 1 3.37 -0.82 -2.85
HG3 PCA A 1 4.68 -0.33 -3.91
N PRO A 2 5.50 -3.02 0.67
CA PRO A 2 4.50 -3.10 1.84
C PRO A 2 3.12 -2.55 1.43
N ASP A 3 2.12 -2.68 2.32
CA ASP A 3 0.70 -2.66 2.00
C ASP A 3 -0.19 -1.61 2.74
N HIS A 4 0.26 -1.29 3.95
CA HIS A 4 -0.14 -0.22 4.89
C HIS A 4 -1.74 -0.12 4.93
N GLU A 5 -2.38 -1.26 5.33
CA GLU A 5 -3.83 -1.56 5.20
C GLU A 5 -4.58 -0.96 3.88
N GLY A 6 -4.41 -1.53 2.67
CA GLY A 6 -5.04 -1.11 1.45
C GLY A 6 -4.60 0.20 0.85
N THR A 7 -3.48 0.76 1.35
CA THR A 7 -2.73 1.84 0.68
C THR A 7 -1.98 1.31 -0.52
N TYR A 8 -1.84 2.24 -1.43
CA TYR A 8 -0.96 2.12 -2.58
C TYR A 8 -0.61 3.54 -3.15
N ASP A 9 0.50 3.51 -3.89
CA ASP A 9 0.81 4.39 -5.06
C ASP A 9 2.08 3.78 -5.73
N TYR A 10 2.23 4.14 -6.97
CA TYR A 10 2.95 3.40 -8.01
C TYR A 10 4.32 4.08 -8.15
N PCA A 1 6.32 -1.40 -1.40
CA PCA A 1 6.35 -1.69 0.03
CB PCA A 1 6.02 -0.33 0.76
CG PCA A 1 5.02 0.23 -0.29
CD PCA A 1 5.48 -0.39 -1.58
OE PCA A 1 5.19 0.09 -2.66
C PCA A 1 5.28 -2.78 0.40
O PCA A 1 4.48 -3.22 -0.44
H PCA A 1 6.52 -2.13 -2.05
HA PCA A 1 7.29 -2.15 0.33
HB2 PCA A 1 5.46 -0.49 1.68
HB3 PCA A 1 6.91 0.29 0.84
HG2 PCA A 1 4.00 -0.09 -0.06
HG3 PCA A 1 5.15 1.31 -0.29
N PRO A 2 5.33 -3.31 1.65
CA PRO A 2 4.19 -3.84 2.39
C PRO A 2 2.92 -2.95 2.21
N ASP A 3 1.79 -3.51 2.57
CA ASP A 3 0.52 -3.17 1.89
C ASP A 3 -0.46 -2.21 2.60
N HIS A 4 -0.36 -2.32 3.91
CA HIS A 4 -1.00 -1.61 4.95
C HIS A 4 -2.36 -1.19 4.51
N GLU A 5 -3.18 -2.12 3.98
CA GLU A 5 -4.49 -1.99 3.37
C GLU A 5 -4.73 -0.65 2.73
N GLY A 6 -3.79 -0.12 1.96
CA GLY A 6 -3.88 1.00 1.05
C GLY A 6 -2.54 1.80 0.78
N THR A 7 -1.39 1.35 1.24
CA THR A 7 -0.10 1.98 0.82
C THR A 7 0.32 1.72 -0.65
N TYR A 8 -0.13 0.67 -1.30
CA TYR A 8 -0.23 0.39 -2.72
C TYR A 8 -0.82 1.49 -3.53
N ASP A 9 -1.89 2.16 -2.96
CA ASP A 9 -2.93 2.81 -3.80
C ASP A 9 -2.39 4.07 -4.52
N TYR A 10 -1.91 5.02 -3.69
CA TYR A 10 -1.80 6.42 -4.13
C TYR A 10 -0.36 6.82 -3.89
#